data_8FI7
#
_entry.id   8FI7
#
_cell.length_a   24.571
_cell.length_b   43.104
_cell.length_c   117.641
_cell.angle_alpha   90.000
_cell.angle_beta   90.000
_cell.angle_gamma   90.000
#
_symmetry.space_group_name_H-M   'P 21 21 21'
#
loop_
_entity.id
_entity.type
_entity.pdbx_description
1 polymer 'Lettuce DNA aptamer'
2 non-polymer 'POTASSIUM ION'
3 non-polymer 'MAGNESIUM ION'
4 non-polymer (5Z)-5-[(3,5-difluoro-4-hydroxyphenyl)methylidene]-2-[(E)-(hydroxyimino)methyl]-3-methyl-3,5-dihydro-4H-imidazol-4-one
5 water water
#
_entity_poly.entity_id   1
_entity_poly.type   'polydeoxyribonucleotide'
_entity_poly.pdbx_seq_one_letter_code
;(DC)(DT)(DT)(DA)(DG)(DT)(DA)(DG)(DG)(DG)(DA)(DT)(DG)(DA)(DT)(DG)(DC)(DG)(DG)(DT)
(DA)(DG)(DT)(DG)(DG)(DG)(DC)(DT)(DT)(DC)(DG)(DC)(DA)(DG)(DT)(DT)(DC)(DC)(DT)(DG)
(DC)(DG)(DA)(DG)(DG)(DG)(DG)(DA)(DC)(DT)(DA)(DA)(DG)
;
_entity_poly.pdbx_strand_id   A
#